data_2ARX
#
_entry.id   2ARX
#
_cell.length_a   56.78
_cell.length_b   83.32
_cell.length_c   122.38
_cell.angle_alpha   90
_cell.angle_beta   90
_cell.angle_gamma   90
#
_symmetry.space_group_name_H-M   'P 21 21 21'
#
loop_
_entity.id
_entity.type
_entity.pdbx_description
1 polymer lectin
2 branched alpha-D-mannopyranose-(1-3)-alpha-D-mannopyranose
3 branched beta-D-galactopyranose-(1-4)-2-acetamido-2-deoxy-beta-D-glucopyranose-(1-2)-alpha-D-mannopyranose-(1-3)-[2-acetamido-2-deoxy-beta-D-glucopyranose-(1-2)-alpha-D-mannopyranose-(1-6)]beta-D-mannopyranose-(1-4)-2-acetamido-2-deoxy-alpha-D-glucopyranose
4 non-polymer 'MANGANESE (II) ION'
5 non-polymer 'CALCIUM ION'
6 non-polymer 2-acetamido-2-deoxy-beta-D-glucopyranose
7 water water
#
_entity_poly.entity_id   1
_entity_poly.type   'polypeptide(L)'
_entity_poly.pdbx_seq_one_letter_code
;QDSLSFGFPTFPSDQKNLIFQGDAQIKNNAVQLTKTDSNGNPVASTVGRILFSAQVHLWEKSSSRVANFQSQFSFSLKSP
LSNGADGIAFFIAPPDTTIPSGSGGGLLGLFAPGTAQNTSANQVIAVEFDTFYAQDSNTWDPNYPHIGIDVNSIRSVKTV
KWDRRDGQSLNVLVTFNPSTRNLDVVATYSDGTRYEVSYEVDVRSVLPEWVRVGFSAASGEQYQTHTLESWSFTSTLLYT
AQKKGENLALEM
;
_entity_poly.pdbx_strand_id   A,B
#
loop_
_chem_comp.id
_chem_comp.type
_chem_comp.name
_chem_comp.formula
BMA D-saccharide, beta linking beta-D-mannopyranose 'C6 H12 O6'
CA non-polymer 'CALCIUM ION' 'Ca 2'
GAL D-saccharide, beta linking beta-D-galactopyranose 'C6 H12 O6'
MAN D-saccharide, alpha linking alpha-D-mannopyranose 'C6 H12 O6'
MN non-polymer 'MANGANESE (II) ION' 'Mn 2'
NAG D-saccharide, beta linking 2-acetamido-2-deoxy-beta-D-glucopyranose 'C8 H15 N O6'
NDG D-saccharide, alpha linking 2-acetamido-2-deoxy-alpha-D-glucopyranose 'C8 H15 N O6'
#
# COMPACT_ATOMS: atom_id res chain seq x y z
CA GLN A 1 -4.83 6.92 4.08
C GLN A 1 -6.32 6.60 4.16
N ASP A 2 -7.13 7.52 3.64
CA ASP A 2 -8.57 7.35 3.60
C ASP A 2 -8.92 6.37 2.47
N SER A 3 -8.03 6.24 1.50
CA SER A 3 -8.28 5.32 0.38
C SER A 3 -7.02 4.56 0.02
N LEU A 4 -7.22 3.32 -0.42
CA LEU A 4 -6.10 2.47 -0.78
C LEU A 4 -6.53 1.43 -1.80
N SER A 5 -5.73 1.21 -2.83
CA SER A 5 -6.06 0.17 -3.80
C SER A 5 -4.78 -0.39 -4.39
N PHE A 6 -4.85 -1.63 -4.86
CA PHE A 6 -3.71 -2.28 -5.48
C PHE A 6 -4.21 -3.40 -6.36
N GLY A 7 -3.40 -3.78 -7.34
CA GLY A 7 -3.83 -4.85 -8.23
C GLY A 7 -2.70 -5.75 -8.70
N PHE A 8 -2.91 -7.06 -8.58
CA PHE A 8 -1.94 -8.05 -9.02
C PHE A 8 -2.59 -8.84 -10.15
N PRO A 9 -2.34 -8.47 -11.41
CA PRO A 9 -2.95 -9.24 -12.51
C PRO A 9 -2.34 -10.65 -12.49
N THR A 10 -1.08 -10.74 -12.07
CA THR A 10 -0.37 -12.01 -11.97
C THR A 10 0.54 -11.85 -10.77
N PHE A 11 1.23 -12.91 -10.38
CA PHE A 11 2.13 -12.87 -9.24
C PHE A 11 3.59 -13.23 -9.57
N PRO A 12 4.36 -12.26 -10.09
CA PRO A 12 5.77 -12.50 -10.44
C PRO A 12 6.53 -12.90 -9.17
N SER A 13 7.67 -13.55 -9.33
CA SER A 13 8.44 -14.00 -8.18
C SER A 13 9.07 -12.93 -7.29
N ASP A 14 9.39 -11.75 -7.84
CA ASP A 14 9.99 -10.71 -7.01
C ASP A 14 8.97 -9.86 -6.27
N GLN A 15 8.37 -10.42 -5.23
CA GLN A 15 7.37 -9.70 -4.44
C GLN A 15 7.99 -8.94 -3.28
N LYS A 16 7.46 -7.75 -3.00
CA LYS A 16 7.98 -6.93 -1.91
C LYS A 16 6.94 -6.57 -0.86
N ASN A 17 5.66 -6.51 -1.24
CA ASN A 17 4.61 -6.12 -0.31
C ASN A 17 3.68 -7.23 0.17
N LEU A 18 4.11 -8.48 0.07
CA LEU A 18 3.31 -9.60 0.55
C LEU A 18 3.96 -10.27 1.76
N ILE A 19 3.15 -10.57 2.75
CA ILE A 19 3.61 -11.26 3.95
C ILE A 19 3.22 -12.72 3.69
N PHE A 20 4.21 -13.60 3.64
CA PHE A 20 3.96 -15.02 3.40
C PHE A 20 4.01 -15.74 4.73
N GLN A 21 3.00 -16.55 5.01
CA GLN A 21 2.96 -17.31 6.25
C GLN A 21 2.74 -18.79 5.90
N GLY A 22 3.31 -19.68 6.70
CA GLY A 22 3.13 -21.10 6.44
C GLY A 22 3.82 -21.57 5.17
N ASP A 23 3.15 -22.37 4.35
CA ASP A 23 3.76 -22.89 3.13
C ASP A 23 3.55 -22.08 1.86
N ALA A 24 2.88 -20.93 1.97
CA ALA A 24 2.60 -20.12 0.79
C ALA A 24 3.84 -19.61 0.06
N GLN A 25 3.84 -19.77 -1.26
CA GLN A 25 4.97 -19.30 -2.06
C GLN A 25 4.53 -19.06 -3.51
N ILE A 26 5.34 -18.28 -4.22
CA ILE A 26 5.07 -17.97 -5.61
C ILE A 26 5.65 -19.04 -6.53
N LYS A 27 4.86 -19.47 -7.50
CA LYS A 27 5.29 -20.47 -8.47
C LYS A 27 4.52 -20.26 -9.77
N ASN A 28 5.24 -20.09 -10.86
CA ASN A 28 4.61 -19.91 -12.16
C ASN A 28 3.63 -18.74 -12.17
N ASN A 29 4.12 -17.58 -11.75
CA ASN A 29 3.32 -16.35 -11.70
C ASN A 29 1.98 -16.43 -10.98
N ALA A 30 1.89 -17.35 -10.03
CA ALA A 30 0.68 -17.51 -9.24
C ALA A 30 1.11 -17.82 -7.82
N VAL A 31 0.23 -17.63 -6.87
CA VAL A 31 0.54 -17.90 -5.49
C VAL A 31 0.00 -19.29 -5.12
N GLN A 32 0.89 -20.19 -4.72
CA GLN A 32 0.49 -21.53 -4.32
C GLN A 32 0.38 -21.49 -2.80
N LEU A 33 -0.84 -21.34 -2.29
CA LEU A 33 -1.05 -21.26 -0.86
C LEU A 33 -0.66 -22.51 -0.10
N THR A 34 -0.90 -23.68 -0.68
CA THR A 34 -0.54 -24.93 -0.01
C THR A 34 0.65 -25.59 -0.71
N LYS A 35 1.41 -26.37 0.05
CA LYS A 35 2.59 -27.04 -0.47
C LYS A 35 2.35 -28.04 -1.60
N THR A 36 3.33 -28.16 -2.49
CA THR A 36 3.28 -29.07 -3.63
C THR A 36 4.65 -29.73 -3.80
N ASP A 37 4.65 -31.00 -4.19
CA ASP A 37 5.93 -31.71 -4.38
C ASP A 37 6.71 -31.16 -5.56
N SER A 38 7.87 -31.75 -5.82
CA SER A 38 8.75 -31.33 -6.90
C SER A 38 8.08 -31.23 -8.27
N ASN A 39 7.24 -32.21 -8.61
CA ASN A 39 6.57 -32.21 -9.90
C ASN A 39 5.25 -31.44 -9.93
N GLY A 40 5.01 -30.61 -8.92
CA GLY A 40 3.80 -29.81 -8.88
C GLY A 40 2.50 -30.43 -8.42
N ASN A 41 2.56 -31.50 -7.64
CA ASN A 41 1.36 -32.15 -7.13
C ASN A 41 1.11 -31.79 -5.68
N PRO A 42 -0.19 -31.67 -5.30
CA PRO A 42 -0.59 -31.33 -3.93
C PRO A 42 -0.21 -32.39 -2.91
N VAL A 43 0.09 -31.96 -1.69
CA VAL A 43 0.46 -32.87 -0.63
C VAL A 43 -0.45 -32.62 0.58
N ALA A 44 -0.53 -33.60 1.46
CA ALA A 44 -1.36 -33.49 2.65
C ALA A 44 -0.71 -32.66 3.75
N SER A 45 -1.49 -32.33 4.78
CA SER A 45 -1.03 -31.56 5.94
C SER A 45 -0.22 -30.31 5.62
N THR A 46 -0.87 -29.33 5.01
CA THR A 46 -0.18 -28.09 4.66
C THR A 46 -1.10 -26.88 4.84
N VAL A 47 -0.53 -25.76 5.27
CA VAL A 47 -1.28 -24.53 5.47
C VAL A 47 -0.42 -23.37 4.99
N GLY A 48 -1.07 -22.36 4.43
CA GLY A 48 -0.35 -21.20 3.95
C GLY A 48 -1.30 -20.03 3.81
N ARG A 49 -0.78 -18.83 4.02
CA ARG A 49 -1.60 -17.63 3.92
C ARG A 49 -0.72 -16.49 3.41
N ILE A 50 -1.35 -15.46 2.84
CA ILE A 50 -0.62 -14.28 2.39
C ILE A 50 -1.46 -13.09 2.82
N LEU A 51 -0.80 -11.99 3.14
CA LEU A 51 -1.46 -10.77 3.54
C LEU A 51 -0.74 -9.63 2.83
N PHE A 52 -1.48 -8.57 2.45
CA PHE A 52 -0.81 -7.43 1.82
C PHE A 52 -0.15 -6.70 2.99
N SER A 53 1.04 -6.13 2.76
CA SER A 53 1.77 -5.47 3.85
C SER A 53 1.16 -4.20 4.40
N ALA A 54 0.60 -3.35 3.56
CA ALA A 54 -0.02 -2.11 4.04
C ALA A 54 -1.32 -2.40 4.79
N GLN A 55 -1.54 -1.70 5.90
CA GLN A 55 -2.74 -1.89 6.68
C GLN A 55 -3.89 -1.09 6.09
N VAL A 56 -5.09 -1.66 6.15
CA VAL A 56 -6.29 -1.02 5.64
C VAL A 56 -7.09 -0.35 6.75
N HIS A 57 -7.50 0.89 6.53
CA HIS A 57 -8.28 1.62 7.52
C HIS A 57 -9.76 1.33 7.26
N LEU A 58 -10.26 0.28 7.93
CA LEU A 58 -11.64 -0.19 7.77
C LEU A 58 -12.70 0.77 8.28
N TRP A 59 -12.44 1.40 9.42
CA TRP A 59 -13.37 2.37 9.98
C TRP A 59 -12.64 3.33 10.91
N GLU A 60 -13.24 4.50 11.11
CA GLU A 60 -12.64 5.53 11.95
C GLU A 60 -13.66 6.03 12.95
N LYS A 61 -13.35 5.87 14.23
CA LYS A 61 -14.25 6.28 15.30
C LYS A 61 -14.47 7.78 15.39
N SER A 62 -13.40 8.56 15.27
CA SER A 62 -13.48 10.01 15.37
C SER A 62 -14.44 10.62 14.35
N SER A 63 -14.32 10.22 13.09
CA SER A 63 -15.18 10.75 12.03
C SER A 63 -16.46 9.95 11.86
N SER A 64 -16.56 8.83 12.59
CA SER A 64 -17.73 7.98 12.51
C SER A 64 -17.91 7.46 11.09
N ARG A 65 -16.81 7.28 10.37
CA ARG A 65 -16.85 6.78 9.01
C ARG A 65 -16.51 5.30 8.95
N VAL A 66 -17.01 4.64 7.92
CA VAL A 66 -16.76 3.22 7.71
C VAL A 66 -16.40 3.08 6.24
N ALA A 67 -15.46 2.19 5.95
CA ALA A 67 -15.02 2.01 4.58
C ALA A 67 -15.81 0.98 3.78
N ASN A 68 -15.86 1.19 2.48
CA ASN A 68 -16.51 0.25 1.60
C ASN A 68 -15.28 -0.46 1.02
N PHE A 69 -15.45 -1.66 0.49
CA PHE A 69 -14.29 -2.30 -0.11
C PHE A 69 -14.74 -3.28 -1.14
N GLN A 70 -13.83 -3.59 -2.05
CA GLN A 70 -14.11 -4.51 -3.13
C GLN A 70 -12.86 -5.32 -3.38
N SER A 71 -13.02 -6.63 -3.31
CA SER A 71 -11.90 -7.53 -3.54
C SER A 71 -12.31 -8.44 -4.69
N GLN A 72 -11.53 -8.40 -5.75
CA GLN A 72 -11.78 -9.21 -6.93
C GLN A 72 -10.58 -10.14 -7.10
N PHE A 73 -10.85 -11.43 -7.24
CA PHE A 73 -9.77 -12.39 -7.38
C PHE A 73 -10.22 -13.66 -8.08
N SER A 74 -9.26 -14.45 -8.53
CA SER A 74 -9.58 -15.70 -9.19
C SER A 74 -8.59 -16.76 -8.72
N PHE A 75 -9.09 -17.98 -8.51
CA PHE A 75 -8.25 -19.07 -8.05
C PHE A 75 -8.70 -20.34 -8.75
N SER A 76 -7.88 -21.37 -8.67
CA SER A 76 -8.22 -22.66 -9.26
C SER A 76 -7.73 -23.72 -8.30
N LEU A 77 -8.46 -24.82 -8.23
CA LEU A 77 -8.13 -25.93 -7.35
C LEU A 77 -7.88 -27.14 -8.24
N LYS A 78 -6.85 -27.91 -7.92
CA LYS A 78 -6.53 -29.10 -8.71
C LYS A 78 -6.12 -30.23 -7.79
N SER A 79 -6.54 -31.45 -8.13
CA SER A 79 -6.22 -32.60 -7.32
C SER A 79 -6.39 -33.92 -8.04
N PRO A 80 -5.45 -34.85 -7.83
CA PRO A 80 -5.50 -36.17 -8.47
C PRO A 80 -6.75 -36.92 -8.02
N LEU A 81 -7.12 -36.74 -6.77
CA LEU A 81 -8.28 -37.37 -6.17
C LEU A 81 -9.54 -36.64 -6.64
N SER A 82 -10.69 -36.96 -6.04
CA SER A 82 -11.95 -36.32 -6.40
C SER A 82 -12.58 -35.73 -5.14
N ASN A 83 -11.89 -35.94 -4.02
CA ASN A 83 -12.32 -35.44 -2.72
C ASN A 83 -11.25 -34.46 -2.26
N GLY A 84 -10.95 -33.47 -3.09
CA GLY A 84 -9.95 -32.48 -2.73
C GLY A 84 -10.36 -31.67 -1.52
N ALA A 85 -9.39 -31.35 -0.67
CA ALA A 85 -9.65 -30.57 0.54
C ALA A 85 -8.46 -29.62 0.76
N ASP A 86 -8.63 -28.60 1.59
CA ASP A 86 -9.88 -28.31 2.31
C ASP A 86 -10.60 -27.07 1.83
N GLY A 87 -9.88 -26.18 1.16
CA GLY A 87 -10.51 -24.97 0.68
C GLY A 87 -9.64 -23.74 0.81
N ILE A 88 -10.08 -22.66 0.18
CA ILE A 88 -9.36 -21.39 0.22
C ILE A 88 -10.31 -20.31 0.73
N ALA A 89 -9.76 -19.30 1.40
CA ALA A 89 -10.61 -18.23 1.93
C ALA A 89 -9.98 -16.85 1.87
N PHE A 90 -10.80 -15.86 1.56
CA PHE A 90 -10.36 -14.47 1.55
C PHE A 90 -10.70 -14.02 2.97
N PHE A 91 -9.78 -13.38 3.68
CA PHE A 91 -10.12 -12.94 5.02
C PHE A 91 -9.60 -11.57 5.40
N ILE A 92 -10.20 -11.02 6.46
CA ILE A 92 -9.85 -9.70 6.99
C ILE A 92 -9.66 -9.93 8.49
N ALA A 93 -8.53 -9.47 9.03
CA ALA A 93 -8.25 -9.67 10.44
C ALA A 93 -7.29 -8.60 11.00
N PRO A 94 -7.05 -8.61 12.32
CA PRO A 94 -6.13 -7.63 12.90
C PRO A 94 -4.79 -7.72 12.19
N PRO A 95 -4.03 -6.63 12.13
CA PRO A 95 -2.72 -6.56 11.47
C PRO A 95 -1.67 -7.59 11.89
N ASP A 96 -1.68 -7.99 13.15
CA ASP A 96 -0.67 -8.93 13.63
C ASP A 96 -1.10 -10.39 13.57
N THR A 97 -2.12 -10.71 12.79
CA THR A 97 -2.60 -12.08 12.70
C THR A 97 -1.55 -13.09 12.19
N THR A 98 -1.56 -14.28 12.79
CA THR A 98 -0.63 -15.35 12.42
C THR A 98 -1.44 -16.65 12.38
N ILE A 99 -0.88 -17.68 11.75
CA ILE A 99 -1.57 -18.97 11.66
C ILE A 99 -1.75 -19.52 13.06
N PRO A 100 -3.01 -19.75 13.49
CA PRO A 100 -3.22 -20.28 14.84
C PRO A 100 -2.67 -21.70 14.96
N SER A 101 -2.23 -22.06 16.16
CA SER A 101 -1.69 -23.40 16.40
C SER A 101 -2.79 -24.44 16.14
N GLY A 102 -2.48 -25.42 15.29
CA GLY A 102 -3.44 -26.47 14.97
C GLY A 102 -4.63 -26.08 14.11
N SER A 103 -4.44 -25.09 13.23
CA SER A 103 -5.52 -24.62 12.37
C SER A 103 -5.57 -25.28 10.99
N GLY A 104 -4.93 -26.43 10.84
CA GLY A 104 -4.92 -27.10 9.55
C GLY A 104 -6.24 -27.72 9.16
N GLY A 105 -6.25 -28.41 8.02
CA GLY A 105 -7.46 -29.06 7.56
C GLY A 105 -8.70 -28.17 7.46
N GLY A 106 -9.81 -28.66 8.01
CA GLY A 106 -11.06 -27.93 7.97
C GLY A 106 -11.13 -26.58 8.65
N LEU A 107 -10.09 -26.19 9.38
CA LEU A 107 -10.10 -24.90 10.05
C LEU A 107 -9.49 -23.84 9.14
N LEU A 108 -9.08 -24.28 7.96
CA LEU A 108 -8.55 -23.42 6.91
C LEU A 108 -7.42 -22.47 7.29
N GLY A 109 -6.75 -22.73 8.42
CA GLY A 109 -5.66 -21.87 8.83
C GLY A 109 -6.11 -20.53 9.39
N LEU A 110 -7.39 -20.46 9.76
CA LEU A 110 -7.97 -19.25 10.30
C LEU A 110 -8.37 -19.32 11.77
N PHE A 111 -8.72 -20.51 12.24
CA PHE A 111 -9.14 -20.66 13.63
C PHE A 111 -8.40 -21.75 14.40
N ALA A 112 -8.38 -21.60 15.72
CA ALA A 112 -7.76 -22.56 16.61
C ALA A 112 -8.86 -23.56 16.99
N PRO A 113 -8.50 -24.84 17.15
CA PRO A 113 -9.45 -25.89 17.51
C PRO A 113 -10.36 -25.59 18.70
N GLY A 114 -9.76 -25.19 19.81
CA GLY A 114 -10.54 -24.93 21.00
C GLY A 114 -11.51 -23.76 20.96
N THR A 115 -11.30 -22.83 20.05
CA THR A 115 -12.16 -21.66 19.98
C THR A 115 -12.73 -21.41 18.58
N ALA A 116 -12.66 -22.42 17.73
CA ALA A 116 -13.15 -22.30 16.35
C ALA A 116 -14.59 -21.85 16.23
N GLN A 117 -15.44 -22.24 17.18
CA GLN A 117 -16.85 -21.85 17.12
C GLN A 117 -17.27 -20.88 18.23
N ASN A 118 -16.28 -20.24 18.84
CA ASN A 118 -16.54 -19.26 19.91
C ASN A 118 -16.41 -17.86 19.27
N THR A 119 -17.55 -17.24 18.97
CA THR A 119 -17.54 -15.92 18.34
C THR A 119 -16.91 -14.79 19.15
N SER A 120 -16.97 -14.88 20.47
CA SER A 120 -16.40 -13.83 21.30
C SER A 120 -14.90 -14.04 21.54
N ALA A 121 -14.33 -15.04 20.88
CA ALA A 121 -12.91 -15.33 21.04
C ALA A 121 -12.11 -15.07 19.78
N ASN A 122 -12.80 -14.67 18.71
CA ASN A 122 -12.13 -14.40 17.44
C ASN A 122 -12.47 -13.01 16.87
N GLN A 123 -11.63 -12.57 15.95
CA GLN A 123 -11.79 -11.29 15.25
C GLN A 123 -11.42 -11.58 13.81
N VAL A 124 -12.40 -11.98 13.02
CA VAL A 124 -12.09 -12.32 11.65
C VAL A 124 -13.35 -12.43 10.82
N ILE A 125 -13.26 -11.95 9.59
CA ILE A 125 -14.34 -12.06 8.63
C ILE A 125 -13.69 -12.72 7.44
N ALA A 126 -14.30 -13.80 6.95
CA ALA A 126 -13.74 -14.51 5.82
C ALA A 126 -14.81 -15.03 4.90
N VAL A 127 -14.45 -15.19 3.63
CA VAL A 127 -15.35 -15.72 2.62
C VAL A 127 -14.65 -17.01 2.25
N GLU A 128 -15.27 -18.13 2.62
CA GLU A 128 -14.66 -19.43 2.36
C GLU A 128 -15.27 -20.15 1.17
N PHE A 129 -14.43 -20.94 0.51
CA PHE A 129 -14.80 -21.77 -0.62
C PHE A 129 -14.38 -23.14 -0.11
N ASP A 130 -15.33 -23.78 0.58
CA ASP A 130 -15.15 -25.05 1.27
C ASP A 130 -15.51 -26.28 0.43
N THR A 131 -14.54 -27.14 0.17
CA THR A 131 -14.77 -28.33 -0.65
C THR A 131 -14.87 -29.65 0.09
N PHE A 132 -14.64 -29.63 1.39
CA PHE A 132 -14.68 -30.87 2.17
C PHE A 132 -15.67 -30.69 3.31
N TYR A 133 -16.60 -31.62 3.45
CA TYR A 133 -17.62 -31.51 4.49
C TYR A 133 -17.92 -32.76 5.31
N ALA A 134 -17.05 -33.78 5.25
CA ALA A 134 -17.26 -35.00 6.02
C ALA A 134 -17.65 -34.66 7.46
N GLN A 135 -18.81 -35.14 7.89
CA GLN A 135 -19.33 -34.85 9.22
C GLN A 135 -18.51 -35.36 10.41
N ASP A 136 -17.55 -36.25 10.17
CA ASP A 136 -16.74 -36.75 11.28
C ASP A 136 -15.72 -35.71 11.75
N SER A 137 -15.18 -34.95 10.81
CA SER A 137 -14.17 -33.94 11.13
C SER A 137 -14.68 -32.50 10.99
N ASN A 138 -15.55 -32.25 10.01
CA ASN A 138 -16.11 -30.92 9.79
C ASN A 138 -17.56 -30.92 10.24
N THR A 139 -17.76 -31.14 11.54
CA THR A 139 -19.09 -31.21 12.13
C THR A 139 -19.95 -29.98 11.91
N TRP A 140 -19.30 -28.85 11.63
CA TRP A 140 -19.99 -27.59 11.42
C TRP A 140 -20.49 -27.31 10.01
N ASP A 141 -20.04 -28.09 9.02
CA ASP A 141 -20.44 -27.85 7.62
C ASP A 141 -21.74 -28.45 7.13
N PRO A 142 -22.40 -27.75 6.20
CA PRO A 142 -23.64 -28.28 5.64
C PRO A 142 -23.12 -29.50 4.89
N ASN A 143 -23.98 -30.42 4.51
CA ASN A 143 -23.53 -31.64 3.84
C ASN A 143 -23.32 -31.56 2.33
N TYR A 144 -22.51 -30.59 1.90
CA TYR A 144 -22.20 -30.40 0.49
C TYR A 144 -21.19 -29.29 0.29
N PRO A 145 -20.50 -29.25 -0.86
CA PRO A 145 -19.51 -28.19 -1.10
C PRO A 145 -20.23 -26.86 -1.02
N HIS A 146 -19.53 -25.83 -0.56
CA HIS A 146 -20.20 -24.55 -0.41
C HIS A 146 -19.29 -23.35 -0.30
N ILE A 147 -19.91 -22.18 -0.51
CA ILE A 147 -19.24 -20.90 -0.36
C ILE A 147 -19.90 -20.38 0.91
N GLY A 148 -19.11 -19.91 1.87
CA GLY A 148 -19.70 -19.42 3.09
C GLY A 148 -19.12 -18.11 3.55
N ILE A 149 -19.90 -17.40 4.36
CA ILE A 149 -19.45 -16.14 4.94
C ILE A 149 -19.22 -16.46 6.41
N ASP A 150 -17.97 -16.31 6.85
CA ASP A 150 -17.58 -16.59 8.23
C ASP A 150 -17.36 -15.33 9.04
N VAL A 151 -18.04 -15.23 10.17
CA VAL A 151 -17.91 -14.09 11.06
C VAL A 151 -17.56 -14.62 12.45
N ASN A 152 -16.28 -14.52 12.79
CA ASN A 152 -15.74 -14.97 14.07
C ASN A 152 -15.96 -16.45 14.41
N SER A 153 -16.26 -17.26 13.40
CA SER A 153 -16.48 -18.68 13.61
C SER A 153 -16.35 -19.50 12.33
N ILE A 154 -15.90 -20.74 12.46
CA ILE A 154 -15.75 -21.62 11.32
C ILE A 154 -17.13 -22.07 10.83
N ARG A 155 -18.15 -21.95 11.68
CA ARG A 155 -19.51 -22.30 11.30
C ARG A 155 -20.09 -21.05 10.65
N SER A 156 -20.18 -21.06 9.33
CA SER A 156 -20.67 -19.94 8.55
C SER A 156 -22.03 -19.41 8.98
N VAL A 157 -22.17 -18.08 8.95
CA VAL A 157 -23.45 -17.49 9.31
C VAL A 157 -24.39 -17.58 8.11
N LYS A 158 -23.82 -17.83 6.93
CA LYS A 158 -24.62 -17.93 5.72
C LYS A 158 -23.85 -18.71 4.67
N THR A 159 -24.51 -19.65 3.99
CA THR A 159 -23.85 -20.45 2.96
C THR A 159 -24.72 -20.62 1.73
N VAL A 160 -24.10 -21.06 0.65
CA VAL A 160 -24.80 -21.33 -0.60
C VAL A 160 -24.11 -22.56 -1.20
N LYS A 161 -24.90 -23.49 -1.74
CA LYS A 161 -24.30 -24.68 -2.34
C LYS A 161 -23.44 -24.25 -3.51
N TRP A 162 -22.30 -24.92 -3.65
CA TRP A 162 -21.34 -24.61 -4.69
C TRP A 162 -20.79 -25.88 -5.34
N ASP A 163 -20.32 -25.76 -6.58
CA ASP A 163 -19.77 -26.90 -7.29
C ASP A 163 -18.27 -26.72 -7.47
N ARG A 164 -17.50 -27.75 -7.12
CA ARG A 164 -16.05 -27.72 -7.28
C ARG A 164 -15.72 -28.24 -8.67
N ARG A 165 -14.95 -27.47 -9.44
CA ARG A 165 -14.55 -27.91 -10.76
C ARG A 165 -13.03 -27.97 -10.83
N ASP A 166 -12.50 -29.18 -10.95
CA ASP A 166 -11.07 -29.39 -10.99
C ASP A 166 -10.39 -28.64 -12.14
N GLY A 167 -9.39 -27.84 -11.80
CA GLY A 167 -8.65 -27.10 -12.81
C GLY A 167 -9.30 -25.89 -13.48
N GLN A 168 -10.51 -25.53 -13.08
CA GLN A 168 -11.17 -24.37 -13.69
C GLN A 168 -11.14 -23.16 -12.76
N SER A 169 -10.71 -22.01 -13.30
CA SER A 169 -10.62 -20.79 -12.52
C SER A 169 -11.98 -20.21 -12.14
N LEU A 170 -12.11 -19.81 -10.88
CA LEU A 170 -13.34 -19.21 -10.39
C LEU A 170 -13.07 -17.73 -10.16
N ASN A 171 -13.90 -16.88 -10.78
CA ASN A 171 -13.76 -15.43 -10.65
C ASN A 171 -14.67 -14.95 -9.53
N VAL A 172 -14.10 -14.29 -8.55
CA VAL A 172 -14.86 -13.83 -7.40
C VAL A 172 -14.84 -12.34 -7.17
N LEU A 173 -16.00 -11.81 -6.79
CA LEU A 173 -16.14 -10.40 -6.46
C LEU A 173 -16.78 -10.27 -5.08
N VAL A 174 -16.04 -9.70 -4.12
CA VAL A 174 -16.53 -9.50 -2.76
C VAL A 174 -16.67 -8.00 -2.56
N THR A 175 -17.83 -7.56 -2.09
CA THR A 175 -18.10 -6.15 -1.88
C THR A 175 -18.77 -5.86 -0.56
N PHE A 176 -18.32 -4.81 0.12
CA PHE A 176 -18.93 -4.41 1.37
C PHE A 176 -19.42 -2.98 1.22
N ASN A 177 -20.73 -2.80 1.36
CA ASN A 177 -21.35 -1.47 1.25
C ASN A 177 -21.64 -1.01 2.67
N PRO A 178 -20.92 0.00 3.16
CA PRO A 178 -21.15 0.48 4.53
C PRO A 178 -22.53 1.11 4.71
N SER A 179 -23.12 1.59 3.62
CA SER A 179 -24.42 2.23 3.68
C SER A 179 -25.54 1.25 4.05
N THR A 180 -25.48 0.04 3.51
CA THR A 180 -26.48 -0.98 3.79
C THR A 180 -25.91 -2.07 4.70
N ARG A 181 -24.59 -2.04 4.86
CA ARG A 181 -23.87 -3.02 5.67
C ARG A 181 -23.91 -4.42 5.08
N ASN A 182 -24.18 -4.51 3.78
CA ASN A 182 -24.21 -5.81 3.13
C ASN A 182 -22.87 -6.22 2.56
N LEU A 183 -22.47 -7.45 2.88
CA LEU A 183 -21.24 -8.03 2.37
C LEU A 183 -21.75 -8.98 1.29
N ASP A 184 -21.49 -8.63 0.02
CA ASP A 184 -21.97 -9.43 -1.10
C ASP A 184 -20.87 -10.24 -1.75
N VAL A 185 -21.18 -11.48 -2.12
CA VAL A 185 -20.21 -12.34 -2.77
C VAL A 185 -20.80 -12.89 -4.06
N VAL A 186 -20.12 -12.64 -5.17
CA VAL A 186 -20.54 -13.14 -6.47
C VAL A 186 -19.38 -13.94 -7.05
N ALA A 187 -19.64 -15.19 -7.40
CA ALA A 187 -18.59 -16.05 -7.96
C ALA A 187 -19.10 -16.67 -9.25
N THR A 188 -18.27 -16.68 -10.28
CA THR A 188 -18.67 -17.25 -11.56
C THR A 188 -17.57 -18.01 -12.27
N TYR A 189 -17.95 -19.09 -12.97
CA TYR A 189 -16.99 -19.83 -13.78
C TYR A 189 -17.08 -19.19 -15.16
N SER A 190 -16.11 -19.45 -16.03
CA SER A 190 -16.11 -18.83 -17.36
C SER A 190 -17.34 -19.09 -18.23
N ASP A 191 -18.03 -20.21 -18.01
CA ASP A 191 -19.20 -20.52 -18.81
C ASP A 191 -20.45 -19.76 -18.37
N GLY A 192 -20.33 -18.94 -17.33
CA GLY A 192 -21.46 -18.17 -16.86
C GLY A 192 -22.13 -18.70 -15.60
N THR A 193 -21.78 -19.90 -15.15
CA THR A 193 -22.38 -20.44 -13.94
C THR A 193 -22.06 -19.48 -12.80
N ARG A 194 -23.10 -18.98 -12.15
CA ARG A 194 -22.97 -17.97 -11.11
C ARG A 194 -23.45 -18.40 -9.73
N TYR A 195 -22.75 -17.96 -8.69
CA TYR A 195 -23.15 -18.28 -7.31
C TYR A 195 -23.16 -16.97 -6.52
N GLU A 196 -24.18 -16.77 -5.72
CA GLU A 196 -24.29 -15.55 -4.94
C GLU A 196 -24.66 -15.82 -3.49
N VAL A 197 -24.10 -15.03 -2.59
CA VAL A 197 -24.41 -15.15 -1.18
C VAL A 197 -24.05 -13.82 -0.53
N SER A 198 -24.88 -13.37 0.38
CA SER A 198 -24.63 -12.11 1.06
C SER A 198 -25.11 -12.17 2.50
N TYR A 199 -24.67 -11.21 3.29
CA TYR A 199 -25.03 -11.15 4.69
C TYR A 199 -24.78 -9.74 5.21
N GLU A 200 -25.64 -9.30 6.12
CA GLU A 200 -25.53 -7.98 6.70
C GLU A 200 -24.64 -8.05 7.92
N VAL A 201 -23.58 -7.25 7.93
CA VAL A 201 -22.65 -7.25 9.06
C VAL A 201 -22.10 -5.86 9.37
N ASP A 202 -22.07 -5.53 10.66
CA ASP A 202 -21.54 -4.25 11.12
C ASP A 202 -20.07 -4.49 11.45
N VAL A 203 -19.20 -4.21 10.48
CA VAL A 203 -17.77 -4.43 10.68
C VAL A 203 -17.17 -3.77 11.91
N ARG A 204 -17.75 -2.66 12.35
CA ARG A 204 -17.22 -1.96 13.52
C ARG A 204 -17.25 -2.74 14.82
N SER A 205 -18.16 -3.69 14.93
CA SER A 205 -18.27 -4.48 16.16
C SER A 205 -17.49 -5.79 16.09
N VAL A 206 -16.87 -6.05 14.95
CA VAL A 206 -16.13 -7.29 14.78
C VAL A 206 -14.63 -7.10 14.63
N LEU A 207 -14.22 -6.03 13.95
CA LEU A 207 -12.81 -5.78 13.70
C LEU A 207 -12.34 -4.41 14.17
N PRO A 208 -11.03 -4.29 14.44
CA PRO A 208 -10.43 -3.03 14.88
C PRO A 208 -10.45 -2.05 13.70
N GLU A 209 -10.11 -0.79 13.94
CA GLU A 209 -10.11 0.23 12.90
C GLU A 209 -9.13 -0.08 11.75
N TRP A 210 -7.98 -0.63 12.11
CA TRP A 210 -6.98 -0.98 11.12
C TRP A 210 -6.83 -2.49 11.02
N VAL A 211 -6.89 -3.01 9.80
CA VAL A 211 -6.79 -4.45 9.59
C VAL A 211 -5.85 -4.76 8.42
N ARG A 212 -5.68 -6.05 8.15
CA ARG A 212 -4.90 -6.50 7.01
C ARG A 212 -5.80 -7.48 6.25
N VAL A 213 -5.62 -7.57 4.95
CA VAL A 213 -6.44 -8.46 4.14
C VAL A 213 -5.54 -9.46 3.42
N GLY A 214 -6.08 -10.65 3.14
CA GLY A 214 -5.29 -11.65 2.46
C GLY A 214 -6.07 -12.93 2.19
N PHE A 215 -5.34 -14.02 2.01
CA PHE A 215 -5.97 -15.32 1.75
C PHE A 215 -5.33 -16.42 2.58
N SER A 216 -6.11 -17.46 2.85
CA SER A 216 -5.64 -18.61 3.60
C SER A 216 -6.17 -19.88 2.94
N ALA A 217 -5.41 -20.96 3.06
CA ALA A 217 -5.82 -22.23 2.47
C ALA A 217 -5.14 -23.34 3.23
N ALA A 218 -5.74 -24.53 3.18
CA ALA A 218 -5.16 -25.68 3.87
C ALA A 218 -5.68 -27.00 3.33
N SER A 219 -4.92 -28.06 3.61
CA SER A 219 -5.28 -29.41 3.22
C SER A 219 -4.89 -30.29 4.41
N GLY A 220 -5.83 -31.13 4.86
CA GLY A 220 -5.54 -32.02 5.96
C GLY A 220 -5.09 -33.34 5.36
N GLU A 221 -5.84 -34.41 5.59
CA GLU A 221 -5.46 -35.71 5.03
C GLU A 221 -5.85 -35.76 3.56
N GLN A 222 -6.89 -35.01 3.20
CA GLN A 222 -7.30 -34.91 1.80
C GLN A 222 -6.63 -33.65 1.28
N TYR A 223 -6.29 -33.63 0.00
CA TYR A 223 -5.58 -32.48 -0.55
C TYR A 223 -5.94 -32.03 -1.96
N GLN A 224 -5.42 -30.85 -2.30
CA GLN A 224 -5.63 -30.21 -3.60
C GLN A 224 -4.78 -28.94 -3.58
N THR A 225 -4.43 -28.45 -4.75
CA THR A 225 -3.66 -27.21 -4.81
C THR A 225 -4.65 -26.06 -4.66
N HIS A 226 -4.22 -24.97 -4.04
CA HIS A 226 -5.05 -23.78 -3.89
C HIS A 226 -4.25 -22.64 -4.55
N THR A 227 -4.49 -22.46 -5.84
CA THR A 227 -3.78 -21.47 -6.63
C THR A 227 -4.47 -20.13 -6.79
N LEU A 228 -3.89 -19.09 -6.21
CA LEU A 228 -4.44 -17.75 -6.34
C LEU A 228 -3.76 -17.16 -7.58
N GLU A 229 -4.58 -16.81 -8.58
CA GLU A 229 -4.08 -16.31 -9.85
C GLU A 229 -4.00 -14.80 -10.06
N SER A 230 -4.93 -14.06 -9.48
CA SER A 230 -4.96 -12.60 -9.62
C SER A 230 -5.75 -12.04 -8.46
N TRP A 231 -5.52 -10.77 -8.15
CA TRP A 231 -6.18 -10.13 -7.02
C TRP A 231 -6.10 -8.61 -7.11
N SER A 232 -7.23 -7.94 -6.99
CA SER A 232 -7.29 -6.48 -6.99
C SER A 232 -8.10 -6.11 -5.77
N PHE A 233 -7.76 -4.99 -5.14
CA PHE A 233 -8.46 -4.58 -3.94
C PHE A 233 -8.52 -3.06 -3.83
N THR A 234 -9.62 -2.56 -3.29
CA THR A 234 -9.79 -1.14 -3.09
C THR A 234 -10.72 -0.87 -1.92
N SER A 235 -10.42 0.16 -1.14
CA SER A 235 -11.27 0.54 -0.02
C SER A 235 -11.20 2.05 0.13
N THR A 236 -12.30 2.64 0.59
CA THR A 236 -12.39 4.09 0.77
C THR A 236 -13.28 4.40 1.97
N LEU A 237 -12.79 5.22 2.90
CA LEU A 237 -13.61 5.59 4.06
C LEU A 237 -14.76 6.47 3.59
N LEU A 238 -15.97 6.21 4.09
CA LEU A 238 -17.13 7.00 3.69
C LEU A 238 -18.06 7.39 4.84
N TYR A 239 -18.77 8.51 4.66
CA TYR A 239 -19.75 9.00 5.63
C TYR A 239 -21.09 8.43 5.20
N THR A 240 -21.76 7.71 6.08
CA THR A 240 -23.07 7.13 5.74
C THR A 240 -24.18 7.88 6.47
N ALA A 241 -25.38 7.87 5.88
CA GLN B 1 1.44 -5.19 -7.46
C GLN B 1 1.81 -4.28 -8.61
N ASP B 2 1.16 -4.49 -9.76
CA ASP B 2 1.40 -3.67 -10.94
C ASP B 2 0.88 -2.26 -10.75
N SER B 3 -0.17 -2.13 -9.94
CA SER B 3 -0.77 -0.84 -9.68
C SER B 3 -0.96 -0.62 -8.18
N LEU B 4 -0.70 0.60 -7.74
CA LEU B 4 -0.83 0.95 -6.34
C LEU B 4 -1.35 2.38 -6.27
N SER B 5 -2.20 2.65 -5.29
CA SER B 5 -2.77 3.97 -5.15
C SER B 5 -3.21 4.23 -3.72
N PHE B 6 -3.01 5.45 -3.25
CA PHE B 6 -3.42 5.79 -1.90
C PHE B 6 -3.67 7.29 -1.81
N GLY B 7 -4.56 7.67 -0.91
CA GLY B 7 -4.88 9.07 -0.74
C GLY B 7 -5.01 9.51 0.70
N PHE B 8 -4.36 10.62 1.01
CA PHE B 8 -4.41 11.20 2.35
C PHE B 8 -5.00 12.59 2.20
N PRO B 9 -6.33 12.74 2.31
CA PRO B 9 -6.92 14.08 2.19
C PRO B 9 -6.39 14.97 3.32
N THR B 10 -6.11 14.33 4.46
CA THR B 10 -5.56 14.98 5.65
C THR B 10 -4.71 13.91 6.33
N PHE B 11 -4.07 14.27 7.44
CA PHE B 11 -3.23 13.33 8.17
C PHE B 11 -3.58 13.19 9.65
N PRO B 12 -4.56 12.33 9.98
CA PRO B 12 -4.95 12.15 11.37
C PRO B 12 -3.76 11.60 12.17
N SER B 13 -3.76 11.85 13.48
CA SER B 13 -2.66 11.41 14.34
C SER B 13 -2.39 9.90 14.29
N ASP B 14 -3.45 9.12 14.13
CA ASP B 14 -3.32 7.67 14.10
C ASP B 14 -2.90 7.15 12.72
N GLN B 15 -1.59 6.95 12.53
CA GLN B 15 -1.06 6.47 11.25
C GLN B 15 -0.40 5.11 11.38
N LYS B 16 -0.50 4.30 10.34
CA LYS B 16 0.08 2.96 10.35
C LYS B 16 0.99 2.69 9.15
N ASN B 17 0.75 3.35 8.02
CA ASN B 17 1.55 3.10 6.82
C ASN B 17 2.61 4.14 6.44
N LEU B 18 3.02 4.96 7.39
CA LEU B 18 4.05 5.95 7.10
C LEU B 18 5.30 5.66 7.90
N ILE B 19 6.46 5.81 7.26
CA ILE B 19 7.73 5.63 7.93
C ILE B 19 8.19 7.04 8.26
N PHE B 20 8.39 7.32 9.55
CA PHE B 20 8.83 8.64 9.98
C PHE B 20 10.34 8.63 10.21
N GLN B 21 11.03 9.62 9.66
CA GLN B 21 12.47 9.69 9.86
C GLN B 21 12.85 11.08 10.34
N GLY B 22 13.79 11.14 11.29
CA GLY B 22 14.19 12.44 11.80
C GLY B 22 13.16 13.04 12.73
N ASP B 23 12.88 14.32 12.55
CA ASP B 23 11.94 15.04 13.40
C ASP B 23 10.50 15.05 12.91
N ALA B 24 10.25 14.44 11.76
CA ALA B 24 8.91 14.41 11.19
C ALA B 24 7.86 13.79 12.12
N GLN B 25 6.71 14.46 12.25
CA GLN B 25 5.62 13.95 13.05
C GLN B 25 4.29 14.61 12.69
N ILE B 26 3.20 14.01 13.17
CA ILE B 26 1.86 14.53 12.89
C ILE B 26 1.41 15.53 13.95
N LYS B 27 0.90 16.67 13.49
CA LYS B 27 0.39 17.71 14.37
C LYS B 27 -0.76 18.42 13.65
N ASN B 28 -1.91 18.49 14.31
CA ASN B 28 -3.09 19.14 13.74
C ASN B 28 -3.49 18.63 12.36
N ASN B 29 -3.61 17.32 12.22
CA ASN B 29 -4.01 16.69 10.95
C ASN B 29 -3.09 16.97 9.77
N ALA B 30 -1.86 17.37 10.06
CA ALA B 30 -0.90 17.63 9.01
C ALA B 30 0.47 17.10 9.45
N VAL B 31 1.33 16.81 8.50
CA VAL B 31 2.66 16.33 8.82
C VAL B 31 3.60 17.50 8.90
N GLN B 32 4.28 17.64 10.03
CA GLN B 32 5.28 18.69 10.23
C GLN B 32 6.59 17.97 9.99
N LEU B 33 7.21 18.19 8.83
CA LEU B 33 8.48 17.52 8.52
C LEU B 33 9.61 17.99 9.42
N THR B 34 9.65 19.29 9.71
CA THR B 34 10.68 19.85 10.56
C THR B 34 10.12 20.15 11.95
N LYS B 35 10.99 20.07 12.94
CA LYS B 35 10.64 20.28 14.34
C LYS B 35 10.13 21.69 14.68
N THR B 36 9.17 21.75 15.59
CA THR B 36 8.58 23.00 16.06
C THR B 36 8.51 22.95 17.58
N ASP B 37 8.66 24.11 18.24
CA ASP B 37 8.59 24.12 19.71
C ASP B 37 7.16 23.92 20.19
N SER B 38 6.95 24.14 21.48
CA SER B 38 5.63 23.96 22.09
C SER B 38 4.57 24.94 21.57
N ASN B 39 5.00 26.09 21.07
CA ASN B 39 4.08 27.08 20.53
C ASN B 39 3.86 26.90 19.04
N GLY B 40 4.47 25.86 18.48
CA GLY B 40 4.31 25.61 17.05
C GLY B 40 5.21 26.46 16.19
N ASN B 41 6.26 27.01 16.79
CA ASN B 41 7.21 27.86 16.07
C ASN B 41 8.38 27.02 15.55
N PRO B 42 8.85 27.33 14.33
CA PRO B 42 9.98 26.61 13.73
C PRO B 42 11.29 26.85 14.47
N VAL B 43 12.18 25.86 14.45
CA VAL B 43 13.49 25.98 15.09
C VAL B 43 14.58 25.56 14.12
N ALA B 44 15.81 25.98 14.40
CA ALA B 44 16.93 25.66 13.54
C ALA B 44 17.45 24.23 13.73
N SER B 45 18.32 23.81 12.83
CA SER B 45 18.91 22.48 12.89
C SER B 45 17.94 21.33 13.06
N THR B 46 17.16 21.08 12.01
CA THR B 46 16.19 20.01 12.04
C THR B 46 16.00 19.42 10.64
N VAL B 47 15.80 18.11 10.59
CA VAL B 47 15.60 17.40 9.33
C VAL B 47 14.54 16.32 9.59
N GLY B 48 13.65 16.12 8.64
CA GLY B 48 12.62 15.11 8.80
C GLY B 48 12.13 14.63 7.44
N ARG B 49 11.68 13.39 7.37
CA ARG B 49 11.19 12.84 6.13
C ARG B 49 10.13 11.78 6.44
N ILE B 50 9.27 11.50 5.47
CA ILE B 50 8.27 10.44 5.61
C ILE B 50 8.27 9.66 4.31
N LEU B 51 7.91 8.39 4.40
CA LEU B 51 7.85 7.52 3.24
C LEU B 51 6.64 6.62 3.41
N PHE B 52 5.96 6.29 2.32
CA PHE B 52 4.83 5.39 2.44
C PHE B 52 5.50 4.02 2.62
N SER B 53 4.96 3.18 3.50
CA SER B 53 5.58 1.88 3.76
C SER B 53 5.61 0.91 2.58
N ALA B 54 4.50 0.81 1.84
CA ALA B 54 4.47 -0.10 0.70
C ALA B 54 5.43 0.34 -0.40
N GLN B 55 6.18 -0.60 -0.95
CA GLN B 55 7.12 -0.27 -2.01
C GLN B 55 6.36 -0.16 -3.32
N VAL B 56 6.83 0.75 -4.17
CA VAL B 56 6.21 1.00 -5.47
C VAL B 56 7.02 0.30 -6.55
N HIS B 57 6.34 -0.42 -7.45
CA HIS B 57 7.06 -1.11 -8.52
C HIS B 57 7.17 -0.09 -9.65
N LEU B 58 8.32 0.57 -9.73
CA LEU B 58 8.59 1.61 -10.72
C LEU B 58 8.77 1.10 -12.14
N TRP B 59 9.53 0.02 -12.29
CA TRP B 59 9.73 -0.58 -13.61
C TRP B 59 10.07 -2.06 -13.43
N GLU B 60 9.88 -2.83 -14.49
CA GLU B 60 10.13 -4.26 -14.42
C GLU B 60 11.02 -4.67 -15.60
N LYS B 61 12.23 -5.10 -15.29
CA LYS B 61 13.20 -5.51 -16.30
C LYS B 61 12.72 -6.65 -17.20
N SER B 62 12.07 -7.65 -16.60
CA SER B 62 11.60 -8.81 -17.36
C SER B 62 10.49 -8.55 -18.37
N SER B 63 9.64 -7.56 -18.12
CA SER B 63 8.53 -7.28 -19.03
C SER B 63 8.68 -6.00 -19.84
N SER B 64 9.79 -5.30 -19.68
CA SER B 64 10.02 -4.05 -20.42
C SER B 64 8.95 -3.00 -20.12
N ARG B 65 8.42 -3.02 -18.90
CA ARG B 65 7.40 -2.05 -18.51
C ARG B 65 7.98 -0.99 -17.57
N VAL B 66 7.38 0.19 -17.61
CA VAL B 66 7.79 1.29 -16.75
C VAL B 66 6.49 1.90 -16.23
N ALA B 67 6.51 2.33 -14.97
CA ALA B 67 5.33 2.89 -14.36
C ALA B 67 4.98 4.30 -14.79
N ASN B 68 3.69 4.57 -14.83
CA ASN B 68 3.16 5.88 -15.12
C ASN B 68 2.68 6.24 -13.71
N PHE B 69 3.15 7.35 -13.17
CA PHE B 69 2.71 7.71 -11.83
C PHE B 69 2.33 9.17 -11.69
N GLN B 70 1.50 9.45 -10.69
CA GLN B 70 1.05 10.80 -10.41
C GLN B 70 1.06 11.05 -8.91
N SER B 71 1.66 12.15 -8.49
CA SER B 71 1.69 12.48 -7.08
C SER B 71 1.11 13.89 -6.95
N GLN B 72 -0.02 14.00 -6.26
CA GLN B 72 -0.67 15.30 -6.06
C GLN B 72 -0.51 15.62 -4.58
N PHE B 73 -0.09 16.84 -4.25
CA PHE B 73 0.08 17.19 -2.84
C PHE B 73 0.04 18.69 -2.61
N SER B 74 -0.11 19.08 -1.35
CA SER B 74 -0.14 20.49 -1.00
C SER B 74 0.60 20.69 0.30
N PHE B 75 1.30 21.81 0.40
CA PHE B 75 2.06 22.11 1.62
C PHE B 75 2.07 23.62 1.81
N SER B 76 2.46 24.05 3.00
CA SER B 76 2.56 25.46 3.32
C SER B 76 3.82 25.66 4.16
N LEU B 77 4.44 26.82 4.00
CA LEU B 77 5.67 27.15 4.73
C LEU B 77 5.44 28.44 5.51
N LYS B 78 5.89 28.48 6.77
CA LYS B 78 5.70 29.69 7.55
C LYS B 78 6.95 30.01 8.36
N SER B 79 7.29 31.29 8.44
CA SER B 79 8.47 31.72 9.20
C SER B 79 8.49 33.23 9.47
N PRO B 80 8.85 33.63 10.70
CA PRO B 80 8.91 35.03 11.08
C PRO B 80 10.12 35.72 10.45
N LEU B 81 11.05 34.92 9.94
CA LEU B 81 12.26 35.44 9.29
C LEU B 81 11.99 35.89 7.87
N SER B 82 12.85 36.74 7.34
CA SER B 82 12.70 37.22 5.97
C SER B 82 13.26 36.18 4.99
N ASN B 83 14.07 35.26 5.52
CA ASN B 83 14.71 34.24 4.70
C ASN B 83 14.54 32.82 5.25
N GLY B 84 13.28 32.40 5.38
CA GLY B 84 13.00 31.06 5.87
C GLY B 84 13.69 30.02 5.02
N ALA B 85 14.19 28.97 5.68
CA ALA B 85 14.92 27.90 5.00
C ALA B 85 14.55 26.56 5.63
N ASP B 86 14.89 25.44 4.96
CA ASP B 86 15.58 25.43 3.68
C ASP B 86 14.75 24.98 2.49
N GLY B 87 13.66 24.28 2.76
CA GLY B 87 12.82 23.83 1.67
C GLY B 87 12.25 22.44 1.88
N ILE B 88 11.34 22.05 0.99
CA ILE B 88 10.72 20.74 1.08
C ILE B 88 10.84 20.05 -0.27
N ALA B 89 10.94 18.72 -0.26
CA ALA B 89 11.05 17.99 -1.51
C ALA B 89 10.26 16.69 -1.52
N PHE B 90 9.69 16.38 -2.68
CA PHE B 90 9.00 15.13 -2.90
C PHE B 90 10.11 14.31 -3.54
N PHE B 91 10.31 13.08 -3.09
CA PHE B 91 11.38 12.29 -3.70
C PHE B 91 11.09 10.82 -3.87
N ILE B 92 11.93 10.19 -4.68
CA ILE B 92 11.83 8.77 -5.00
C ILE B 92 13.23 8.21 -4.82
N ALA B 93 13.35 7.14 -4.04
CA ALA B 93 14.65 6.54 -3.79
C ALA B 93 14.53 5.04 -3.49
N PRO B 94 15.68 4.33 -3.34
CA PRO B 94 15.65 2.90 -3.03
C PRO B 94 14.90 2.71 -1.72
N PRO B 95 14.24 1.56 -1.52
CA PRO B 95 13.47 1.24 -0.31
C PRO B 95 14.14 1.42 1.06
N ASP B 96 15.42 1.13 1.16
CA ASP B 96 16.12 1.26 2.44
C ASP B 96 16.73 2.64 2.71
N THR B 97 16.26 3.66 1.99
CA THR B 97 16.79 5.01 2.17
C THR B 97 16.58 5.55 3.58
N THR B 98 17.60 6.22 4.10
CA THR B 98 17.55 6.83 5.43
C THR B 98 18.22 8.20 5.30
N ILE B 99 18.04 9.06 6.30
CA ILE B 99 18.64 10.39 6.25
C ILE B 99 20.16 10.26 6.29
N PRO B 100 20.86 10.76 5.26
CA PRO B 100 22.33 10.68 5.21
C PRO B 100 22.98 11.50 6.33
N SER B 101 24.09 11.01 6.85
CA SER B 101 24.80 11.69 7.92
C SER B 101 25.25 13.08 7.47
N GLY B 102 24.81 14.11 8.19
CA GLY B 102 25.16 15.48 7.85
C GLY B 102 24.44 16.09 6.65
N SER B 103 23.21 15.66 6.39
CA SER B 103 22.45 16.17 5.25
C SER B 103 21.53 17.35 5.55
N GLY B 104 21.71 17.99 6.69
CA GLY B 104 20.85 19.12 7.04
C GLY B 104 20.96 20.34 6.14
N GLY B 105 20.27 21.41 6.54
CA GLY B 105 20.29 22.65 5.79
C GLY B 105 20.00 22.55 4.31
N GLY B 106 20.82 23.23 3.52
CA GLY B 106 20.65 23.24 2.09
C GLY B 106 20.64 21.89 1.39
N LEU B 107 21.06 20.83 2.09
CA LEU B 107 21.07 19.50 1.48
C LEU B 107 19.70 18.81 1.57
N LEU B 108 18.76 19.50 2.18
CA LEU B 108 17.37 19.06 2.30
C LEU B 108 17.11 17.68 2.88
N GLY B 109 18.13 17.07 3.49
CA GLY B 109 17.97 15.75 4.06
C GLY B 109 18.01 14.66 3.02
N LEU B 110 18.48 14.99 1.82
CA LEU B 110 18.56 14.03 0.74
C LEU B 110 19.98 13.62 0.36
N PHE B 111 20.96 14.51 0.57
CA PHE B 111 22.33 14.20 0.20
C PHE B 111 23.35 14.37 1.31
N ALA B 112 24.45 13.62 1.21
CA ALA B 112 25.54 13.70 2.16
C ALA B 112 26.46 14.78 1.62
N PRO B 113 27.10 15.56 2.49
CA PRO B 113 28.00 16.64 2.06
C PRO B 113 29.07 16.24 1.05
N GLY B 114 29.82 15.19 1.36
CA GLY B 114 30.88 14.75 0.49
C GLY B 114 30.51 14.30 -0.91
N THR B 115 29.26 13.90 -1.10
CA THR B 115 28.83 13.43 -2.42
C THR B 115 27.57 14.11 -2.97
N ALA B 116 27.22 15.25 -2.40
CA ALA B 116 26.02 16.00 -2.80
C ALA B 116 25.94 16.32 -4.29
N GLN B 117 27.08 16.50 -4.95
CA GLN B 117 27.06 16.81 -6.37
C GLN B 117 27.64 15.71 -7.26
N ASN B 118 27.90 14.55 -6.67
CA ASN B 118 28.44 13.42 -7.40
C ASN B 118 27.24 12.59 -7.91
N THR B 119 26.82 12.83 -9.15
CA THR B 119 25.68 12.11 -9.69
C THR B 119 25.91 10.60 -9.75
N SER B 120 27.17 10.20 -9.55
CA SER B 120 27.52 8.78 -9.61
C SER B 120 27.41 8.06 -8.27
N ALA B 121 27.32 8.82 -7.18
CA ALA B 121 27.23 8.21 -5.85
C ALA B 121 25.84 8.29 -5.22
N ASN B 122 24.85 8.69 -6.02
CA ASN B 122 23.50 8.81 -5.50
C ASN B 122 22.44 8.14 -6.37
N GLN B 123 21.29 7.86 -5.77
CA GLN B 123 20.17 7.27 -6.48
C GLN B 123 18.91 7.94 -5.93
N VAL B 124 18.53 9.04 -6.54
CA VAL B 124 17.34 9.76 -6.09
C VAL B 124 16.84 10.74 -7.14
N ILE B 125 15.52 10.87 -7.21
CA ILE B 125 14.89 11.81 -8.11
C ILE B 125 13.98 12.60 -7.18
N ALA B 126 14.14 13.91 -7.16
CA ALA B 126 13.33 14.73 -6.29
C ALA B 126 12.91 16.02 -6.95
N VAL B 127 11.79 16.56 -6.48
CA VAL B 127 11.28 17.83 -6.95
C VAL B 127 11.37 18.71 -5.70
N GLU B 128 12.27 19.69 -5.73
CA GLU B 128 12.48 20.57 -4.60
C GLU B 128 11.81 21.94 -4.73
N PHE B 129 11.42 22.49 -3.59
CA PHE B 129 10.84 23.81 -3.50
C PHE B 129 11.83 24.45 -2.53
N ASP B 130 12.85 25.04 -3.14
CA ASP B 130 13.99 25.63 -2.44
C ASP B 130 13.82 27.11 -2.13
N THR B 131 13.76 27.46 -0.84
CA THR B 131 13.55 28.84 -0.45
C THR B 131 14.81 29.60 -0.01
N PHE B 132 15.92 28.89 0.16
CA PHE B 132 17.17 29.51 0.62
C PHE B 132 18.25 29.34 -0.44
N TYR B 133 18.79 30.45 -0.90
CA TYR B 133 19.80 30.44 -1.96
C TYR B 133 21.04 31.29 -1.72
N ALA B 134 21.41 31.55 -0.47
CA ALA B 134 22.59 32.36 -0.18
C ALA B 134 23.77 31.80 -0.96
N GLN B 135 24.26 32.58 -1.92
CA GLN B 135 25.36 32.17 -2.77
C GLN B 135 26.65 31.77 -2.07
N ASP B 136 26.79 32.11 -0.79
CA ASP B 136 28.01 31.75 -0.07
C ASP B 136 27.94 30.39 0.63
N SER B 137 26.75 29.83 0.75
CA SER B 137 26.58 28.53 1.39
C SER B 137 25.92 27.53 0.42
N ASN B 138 24.92 27.99 -0.32
CA ASN B 138 24.25 27.14 -1.30
C ASN B 138 24.80 27.53 -2.67
N THR B 139 26.10 27.31 -2.84
CA THR B 139 26.80 27.66 -4.08
C THR B 139 26.25 27.06 -5.36
N TRP B 140 25.51 25.96 -5.22
CA TRP B 140 24.93 25.26 -6.36
C TRP B 140 23.60 25.87 -6.83
N ASP B 141 23.00 26.71 -5.99
CA ASP B 141 21.72 27.34 -6.34
C ASP B 141 21.73 28.61 -7.15
N PRO B 142 20.64 28.84 -7.91
CA PRO B 142 20.50 30.04 -8.73
C PRO B 142 20.25 31.08 -7.63
N ASN B 143 20.36 32.37 -7.94
CA ASN B 143 20.17 33.36 -6.90
C ASN B 143 18.74 33.86 -6.70
N TYR B 144 17.84 32.95 -6.36
CA TYR B 144 16.43 33.25 -6.11
C TYR B 144 15.65 31.99 -5.72
N PRO B 145 14.52 32.14 -5.02
CA PRO B 145 13.75 30.96 -4.64
C PRO B 145 13.35 30.23 -5.93
N HIS B 146 13.30 28.90 -5.88
CA HIS B 146 13.02 28.15 -7.09
C HIS B 146 12.45 26.75 -6.90
N ILE B 147 11.88 26.22 -7.97
CA ILE B 147 11.38 24.86 -7.99
C ILE B 147 12.48 24.14 -8.78
N GLY B 148 12.94 23.00 -8.29
CA GLY B 148 13.97 22.29 -9.00
C GLY B 148 13.76 20.79 -9.14
N ILE B 149 14.32 20.24 -10.21
CA ILE B 149 14.24 18.80 -10.46
C ILE B 149 15.65 18.28 -10.21
N ASP B 150 15.77 17.45 -9.18
CA ASP B 150 17.06 16.89 -8.79
C ASP B 150 17.20 15.43 -9.22
N VAL B 151 18.28 15.12 -9.94
CA VAL B 151 18.56 13.76 -10.38
C VAL B 151 19.96 13.39 -9.90
N ASN B 152 20.03 12.70 -8.77
CA ASN B 152 21.29 12.25 -8.18
C ASN B 152 22.23 13.39 -7.77
N SER B 153 21.70 14.59 -7.59
CA SER B 153 22.52 15.73 -7.18
C SER B 153 21.73 16.92 -6.66
N ILE B 154 22.30 17.59 -5.66
CA ILE B 154 21.67 18.76 -5.06
C ILE B 154 21.67 19.91 -6.08
N ARG B 155 22.54 19.82 -7.09
CA ARG B 155 22.58 20.83 -8.13
C ARG B 155 21.53 20.41 -9.16
N SER B 156 20.36 21.01 -9.10
CA SER B 156 19.25 20.69 -9.99
C SER B 156 19.61 20.64 -11.47
N VAL B 157 19.07 19.67 -12.19
CA VAL B 157 19.34 19.58 -13.62
C VAL B 157 18.55 20.70 -14.30
N LYS B 158 17.57 21.24 -13.56
CA LYS B 158 16.74 22.30 -14.07
C LYS B 158 15.97 23.01 -12.97
N THR B 159 15.82 24.32 -13.10
CA THR B 159 15.09 25.12 -12.12
C THR B 159 14.26 26.21 -12.80
N VAL B 160 13.22 26.67 -12.13
CA VAL B 160 12.38 27.76 -12.64
C VAL B 160 12.14 28.67 -11.44
N LYS B 161 12.00 29.97 -11.70
CA LYS B 161 11.79 30.93 -10.63
C LYS B 161 10.46 30.65 -9.94
N TRP B 162 10.47 30.70 -8.63
CA TRP B 162 9.28 30.43 -7.83
C TRP B 162 9.13 31.47 -6.72
N ASP B 163 7.90 31.80 -6.39
CA ASP B 163 7.63 32.78 -5.33
C ASP B 163 7.21 32.07 -4.05
N ARG B 164 7.87 32.39 -2.95
CA ARG B 164 7.54 31.83 -1.65
C ARG B 164 6.49 32.73 -1.05
N ARG B 165 5.38 32.15 -0.62
CA ARG B 165 4.31 32.93 -0.01
C ARG B 165 4.06 32.35 1.37
N ASP B 166 4.35 33.15 2.39
CA ASP B 166 4.21 32.71 3.78
C ASP B 166 2.78 32.33 4.15
N GLY B 167 2.62 31.13 4.71
CA GLY B 167 1.32 30.68 5.13
C GLY B 167 0.29 30.40 4.04
N GLN B 168 0.72 30.28 2.79
CA GLN B 168 -0.21 29.97 1.71
C GLN B 168 0.08 28.59 1.14
N SER B 169 -0.98 27.82 0.94
CA SER B 169 -0.87 26.47 0.40
C SER B 169 -0.53 26.45 -1.07
N LEU B 170 0.41 25.58 -1.43
CA LEU B 170 0.79 25.44 -2.82
C LEU B 170 0.32 24.04 -3.21
N ASN B 171 -0.45 23.93 -4.29
CA ASN B 171 -0.89 22.62 -4.75
C ASN B 171 0.01 22.21 -5.89
N VAL B 172 0.51 20.98 -5.80
CA VAL B 172 1.45 20.48 -6.79
C VAL B 172 1.01 19.16 -7.40
N LEU B 173 1.25 19.01 -8.70
CA LEU B 173 0.95 17.77 -9.41
C LEU B 173 2.22 17.33 -10.12
N VAL B 174 2.74 16.17 -9.76
CA VAL B 174 3.95 15.63 -10.39
C VAL B 174 3.55 14.36 -11.13
N THR B 175 3.84 14.31 -12.42
CA THR B 175 3.50 13.15 -13.24
C THR B 175 4.68 12.71 -14.08
N PHE B 176 4.68 11.42 -14.42
CA PHE B 176 5.73 10.84 -15.26
C PHE B 176 5.06 9.95 -16.30
N ASN B 177 5.31 10.25 -17.56
CA ASN B 177 4.75 9.48 -18.66
C ASN B 177 5.89 8.63 -19.22
N PRO B 178 5.82 7.30 -19.06
CA PRO B 178 6.88 6.42 -19.55
C PRO B 178 7.05 6.41 -21.07
N SER B 179 6.02 6.83 -21.81
CA SER B 179 6.08 6.87 -23.27
C SER B 179 7.03 7.95 -23.77
N THR B 180 6.92 9.14 -23.18
CA THR B 180 7.76 10.26 -23.56
C THR B 180 8.91 10.45 -22.58
N ARG B 181 8.83 9.75 -21.45
CA ARG B 181 9.83 9.83 -20.39
C ARG B 181 9.87 11.22 -19.77
N ASN B 182 8.76 11.94 -19.89
CA ASN B 182 8.63 13.29 -19.33
C ASN B 182 8.18 13.33 -17.88
N LEU B 183 8.94 14.04 -17.06
CA LEU B 183 8.59 14.24 -15.66
C LEU B 183 8.06 15.67 -15.65
N ASP B 184 6.75 15.83 -15.50
CA ASP B 184 6.14 17.15 -15.48
C ASP B 184 5.76 17.62 -14.09
N VAL B 185 5.96 18.91 -13.84
CA VAL B 185 5.61 19.51 -12.55
C VAL B 185 4.74 20.74 -12.75
N VAL B 186 3.58 20.77 -12.12
CA VAL B 186 2.70 21.92 -12.21
C VAL B 186 2.33 22.29 -10.78
N ALA B 187 2.62 23.53 -10.39
CA ALA B 187 2.33 24.00 -9.05
C ALA B 187 1.47 25.26 -9.14
N THR B 188 0.48 25.38 -8.25
CA THR B 188 -0.40 26.54 -8.24
C THR B 188 -0.76 27.05 -6.84
N TYR B 189 -0.91 28.35 -6.72
CA TYR B 189 -1.35 28.97 -5.47
C TYR B 189 -2.85 29.18 -5.68
N SER B 190 -3.61 29.38 -4.60
CA SER B 190 -5.06 29.55 -4.70
C SER B 190 -5.56 30.71 -5.54
N ASP B 191 -4.67 31.62 -5.94
CA ASP B 191 -5.12 32.76 -6.75
C ASP B 191 -4.93 32.50 -8.23
N GLY B 192 -4.49 31.28 -8.57
CA GLY B 192 -4.28 30.93 -9.97
C GLY B 192 -2.86 31.07 -10.48
N THR B 193 -1.96 31.63 -9.68
CA THR B 193 -0.56 31.77 -10.09
C THR B 193 -0.02 30.36 -10.34
N ARG B 194 0.61 30.17 -11.49
CA ARG B 194 1.09 28.85 -11.86
C ARG B 194 2.56 28.75 -12.28
N TYR B 195 3.20 27.65 -11.94
CA TYR B 195 4.60 27.40 -12.29
C TYR B 195 4.65 26.01 -12.93
N GLU B 196 5.42 25.87 -13.99
CA GLU B 196 5.54 24.59 -14.67
C GLU B 196 7.00 24.35 -15.00
N VAL B 197 7.40 23.09 -14.98
CA VAL B 197 8.76 22.72 -15.32
C VAL B 197 8.72 21.25 -15.71
N SER B 198 9.43 20.90 -16.77
CA SER B 198 9.45 19.53 -17.26
C SER B 198 10.87 19.07 -17.63
N TYR B 199 11.11 17.76 -17.52
CA TYR B 199 12.43 17.23 -17.82
C TYR B 199 12.32 15.78 -18.31
N GLU B 200 13.11 15.43 -19.32
CA GLU B 200 13.09 14.07 -19.85
C GLU B 200 14.14 13.25 -19.11
N VAL B 201 13.69 12.15 -18.50
CA VAL B 201 14.59 11.29 -17.76
C VAL B 201 14.14 9.84 -17.82
N ASP B 202 15.08 8.94 -18.06
CA ASP B 202 14.77 7.51 -18.11
C ASP B 202 14.97 7.00 -16.70
N VAL B 203 13.88 6.83 -15.96
CA VAL B 203 13.96 6.37 -14.58
C VAL B 203 14.70 5.05 -14.40
N ARG B 204 14.68 4.20 -15.43
CA ARG B 204 15.34 2.89 -15.36
C ARG B 204 16.84 2.95 -15.15
N SER B 205 17.48 4.02 -15.63
CA SER B 205 18.93 4.14 -15.48
C SER B 205 19.31 4.89 -14.21
N VAL B 206 18.31 5.37 -13.48
CA VAL B 206 18.54 6.13 -12.27
C VAL B 206 18.12 5.41 -10.98
N LEU B 207 17.00 4.70 -11.03
CA LEU B 207 16.48 4.02 -9.85
C LEU B 207 16.23 2.54 -10.02
N PRO B 208 16.25 1.78 -8.91
CA PRO B 208 16.02 0.35 -8.91
C PRO B 208 14.55 0.07 -9.28
N GLU B 209 14.23 -1.19 -9.59
CA GLU B 209 12.86 -1.58 -9.98
C GLU B 209 11.82 -1.26 -8.91
N TRP B 210 12.19 -1.46 -7.65
CA TRP B 210 11.29 -1.18 -6.54
C TRP B 210 11.82 0.00 -5.72
N VAL B 211 10.95 0.98 -5.46
CA VAL B 211 11.36 2.15 -4.71
C VAL B 211 10.31 2.54 -3.69
N ARG B 212 10.63 3.53 -2.86
CA ARG B 212 9.69 4.08 -1.90
C ARG B 212 9.58 5.57 -2.26
N VAL B 213 8.42 6.16 -1.96
CA VAL B 213 8.20 7.56 -2.26
C VAL B 213 7.87 8.31 -0.99
N GLY B 214 8.16 9.60 -0.97
CA GLY B 214 7.89 10.37 0.22
C GLY B 214 8.32 11.82 0.10
N PHE B 215 8.51 12.47 1.26
CA PHE B 215 8.91 13.86 1.30
C PHE B 215 10.03 14.08 2.29
N SER B 216 10.81 15.12 2.07
CA SER B 216 11.92 15.46 2.94
C SER B 216 12.00 16.98 3.06
N ALA B 217 12.43 17.45 4.22
CA ALA B 217 12.56 18.89 4.45
C ALA B 217 13.62 19.10 5.53
N ALA B 218 14.18 20.31 5.57
CA ALA B 218 15.20 20.63 6.56
C ALA B 218 15.34 22.13 6.76
N SER B 219 16.00 22.49 7.87
CA SER B 219 16.29 23.88 8.23
C SER B 219 17.68 23.92 8.88
N GLY B 220 18.54 24.84 8.42
CA GLY B 220 19.88 24.97 8.94
C GLY B 220 19.85 26.06 9.99
N GLU B 221 20.64 27.10 9.78
CA GLU B 221 20.64 28.21 10.75
C GLU B 221 19.30 28.99 10.58
N GLN B 222 18.83 29.03 9.35
CA GLN B 222 17.57 29.70 9.05
C GLN B 222 16.47 28.64 9.07
N TYR B 223 15.27 29.02 9.50
CA TYR B 223 14.19 28.07 9.66
C TYR B 223 12.79 28.52 9.24
N GLN B 224 11.91 27.53 9.12
CA GLN B 224 10.51 27.74 8.74
C GLN B 224 9.83 26.38 8.91
N THR B 225 8.52 26.38 9.07
CA THR B 225 7.82 25.12 9.18
C THR B 225 7.64 24.59 7.75
N HIS B 226 7.58 23.27 7.62
CA HIS B 226 7.38 22.63 6.32
C HIS B 226 6.21 21.68 6.56
N THR B 227 5.01 22.17 6.29
CA THR B 227 3.81 21.41 6.55
C THR B 227 3.16 20.74 5.34
N LEU B 228 3.14 19.40 5.35
CA LEU B 228 2.52 18.62 4.28
C LEU B 228 1.06 18.47 4.69
N GLU B 229 0.17 19.06 3.89
CA GLU B 229 -1.26 19.06 4.16
C GLU B 229 -2.09 17.92 3.56
N SER B 230 -1.76 17.49 2.36
CA SER B 230 -2.49 16.40 1.72
C SER B 230 -1.57 15.71 0.74
N TRP B 231 -1.93 14.50 0.34
CA TRP B 231 -1.13 13.75 -0.61
C TRP B 231 -1.86 12.53 -1.17
N SER B 232 -1.87 12.41 -2.49
CA SER B 232 -2.49 11.26 -3.13
C SER B 232 -1.47 10.80 -4.15
N PHE B 233 -1.35 9.49 -4.32
CA PHE B 233 -0.39 8.93 -5.25
C PHE B 233 -0.96 7.72 -5.97
N THR B 234 -0.65 7.59 -7.25
CA THR B 234 -1.12 6.46 -8.04
C THR B 234 0.02 6.05 -8.98
N SER B 235 0.14 4.75 -9.20
CA SER B 235 1.17 4.22 -10.06
C SER B 235 0.68 2.97 -10.78
N THR B 236 1.00 2.85 -12.07
CA THR B 236 0.59 1.68 -12.85
C THR B 236 1.63 1.33 -13.91
N LEU B 237 2.00 0.05 -13.97
CA LEU B 237 2.97 -0.41 -14.97
C LEU B 237 2.35 -0.49 -16.35
N LEU B 238 3.06 0.07 -17.34
CA LEU B 238 2.62 0.07 -18.73
C LEU B 238 3.72 -0.37 -19.69
N TYR B 239 3.31 -0.89 -20.84
CA TYR B 239 4.26 -1.33 -21.86
C TYR B 239 4.82 -0.14 -22.63
N THR B 240 6.11 -0.19 -22.93
CA THR B 240 6.77 0.88 -23.66
C THR B 240 7.60 0.30 -24.82
N ALA B 241 7.66 1.04 -25.92
C1 MAN C . -11.32 -38.14 6.51
C2 MAN C . -11.22 -36.73 7.13
C3 MAN C . -10.05 -36.70 8.10
C4 MAN C . -10.26 -37.77 9.18
C5 MAN C . -10.40 -39.14 8.50
C6 MAN C . -10.70 -40.26 9.49
O1 MAN C . -10.13 -38.42 5.84
O2 MAN C . -12.43 -36.41 7.80
O3 MAN C . -9.91 -35.41 8.71
O4 MAN C . -9.15 -37.78 10.07
O5 MAN C . -11.49 -39.12 7.55
O6 MAN C . -11.89 -39.99 10.21
C1 MAN C . -8.75 -34.71 8.35
C2 MAN C . -8.65 -33.42 9.18
C3 MAN C . -9.77 -32.46 8.77
C4 MAN C . -9.73 -32.20 7.26
C5 MAN C . -9.78 -33.55 6.51
C6 MAN C . -9.64 -33.40 5.00
O2 MAN C . -7.39 -32.81 8.95
O3 MAN C . -9.61 -31.23 9.47
O4 MAN C . -10.84 -31.41 6.89
O5 MAN C . -8.71 -34.40 6.97
O6 MAN C . -8.39 -32.84 4.64
C1 NDG D . 31.53 29.29 5.03
C2 NDG D . 30.37 28.53 5.69
C3 NDG D . 29.07 28.96 5.02
C4 NDG D . 28.91 30.47 5.25
C5 NDG D . 30.13 31.20 4.61
C6 NDG D . 30.10 32.70 4.83
C7 NDG D . 31.53 26.44 5.12
C8 NDG D . 31.48 24.92 5.19
O5 NDG D . 31.36 30.71 5.20
O3 NDG D . 27.99 28.27 5.61
O4 NDG D . 27.67 30.94 4.71
O6 NDG D . 29.72 33.04 6.16
O7 NDG D . 32.49 27.00 4.60
N2 NDG D . 30.49 27.08 5.66
O1 NDG D . 31.56 29.03 3.67
C1 BMA D . 26.69 31.17 5.67
C2 BMA D . 25.57 32.07 5.11
C3 BMA D . 24.43 32.19 6.14
C4 BMA D . 23.97 30.83 6.63
C5 BMA D . 25.18 30.06 7.15
C6 BMA D . 24.92 28.67 7.76
O2 BMA D . 25.07 31.53 3.90
O3 BMA D . 23.33 32.92 5.58
O4 BMA D . 23.02 30.99 7.68
O5 BMA D . 26.15 29.90 6.09
O6 BMA D . 24.48 27.72 6.75
C1 MAN D . 23.18 34.23 6.06
C2 MAN D . 21.79 34.78 5.71
C3 MAN D . 21.69 34.96 4.20
C4 MAN D . 22.80 35.90 3.72
C5 MAN D . 24.17 35.35 4.15
C6 MAN D . 25.29 36.32 3.84
O2 MAN D . 21.60 36.05 6.35
O3 MAN D . 20.42 35.52 3.89
O4 MAN D . 22.76 36.01 2.31
O5 MAN D . 24.19 35.11 5.58
O6 MAN D . 26.49 35.96 4.51
C1 NAG D . 21.37 36.04 7.72
C2 NAG D . 21.79 37.40 8.30
C3 NAG D . 21.37 37.53 9.77
C4 NAG D . 19.90 37.15 9.95
C5 NAG D . 19.65 35.77 9.35
C6 NAG D . 18.22 35.32 9.47
C7 NAG D . 23.76 38.25 7.20
C8 NAG D . 25.27 38.35 7.17
N2 NAG D . 23.22 37.55 8.19
O3 NAG D . 21.58 38.86 10.21
O4 NAG D . 19.56 37.15 11.35
O5 NAG D . 19.98 35.80 7.95
O6 NAG D . 17.32 36.37 9.11
O7 NAG D . 23.09 38.80 6.32
C1 GAL D . 18.49 37.95 11.71
C2 GAL D . 18.17 37.72 13.19
C3 GAL D . 17.18 38.78 13.72
C4 GAL D . 17.61 40.19 13.32
C5 GAL D . 17.82 40.24 11.82
C6 GAL D . 18.26 41.61 11.35
O2 GAL D . 17.61 36.43 13.36
O3 GAL D . 17.10 38.68 15.13
O4 GAL D . 18.82 40.51 13.98
O5 GAL D . 18.86 39.31 11.45
O6 GAL D . 17.83 41.87 10.01
C1 MAN D . 23.58 26.77 7.26
C2 MAN D . 23.66 25.47 6.45
C3 MAN D . 23.19 25.77 5.02
C4 MAN D . 21.76 26.33 5.06
C5 MAN D . 21.72 27.58 5.94
C6 MAN D . 20.33 28.15 6.11
O2 MAN D . 22.75 24.48 7.01
O3 MAN D . 23.22 24.58 4.23
O4 MAN D . 21.32 26.64 3.75
O5 MAN D . 22.24 27.28 7.27
O6 MAN D . 19.51 27.32 6.92
C1 NAG D . 23.13 23.54 7.98
C2 NAG D . 24.42 22.78 7.64
C3 NAG D . 24.62 21.72 8.73
C4 NAG D . 24.59 22.34 10.13
C5 NAG D . 23.32 23.18 10.30
C6 NAG D . 23.23 23.90 11.62
C7 NAG D . 25.31 22.22 5.49
C8 NAG D . 25.15 21.49 4.16
N2 NAG D . 24.31 22.13 6.35
O3 NAG D . 25.85 21.05 8.52
O4 NAG D . 24.62 21.32 11.11
O5 NAG D . 23.24 24.17 9.25
O6 NAG D . 23.83 25.19 11.54
O7 NAG D . 26.34 22.87 5.71
MN MN E . -17.56 -24.63 5.57
CA CA F . -14.99 -27.92 5.50
C1 NAG G . 31.97 10.01 -6.99
C2 NAG G . 33.48 10.19 -6.74
C3 NAG G . 34.22 8.85 -6.68
C4 NAG G . 33.50 7.87 -5.77
C5 NAG G . 32.04 7.76 -6.18
C6 NAG G . 31.25 6.78 -5.34
C7 NAG G . 34.39 12.25 -7.59
C8 NAG G . 34.95 13.04 -8.77
N2 NAG G . 34.03 11.00 -7.82
O3 NAG G . 35.54 9.07 -6.21
O4 NAG G . 34.12 6.60 -5.85
O5 NAG G . 31.41 9.05 -6.07
O6 NAG G . 31.06 7.27 -4.02
O7 NAG G . 34.29 12.79 -6.48
MN MN H . 18.03 24.42 -5.07
CA CA I . 18.94 25.95 -1.29
#